data_5DHV
#
_entry.id   5DHV
#
_cell.length_a   43.895
_cell.length_b   81.869
_cell.length_c   98.809
_cell.angle_alpha   90.00
_cell.angle_beta   101.09
_cell.angle_gamma   90.00
#
_symmetry.space_group_name_H-M   'P 1 21 1'
#
loop_
_entity.id
_entity.type
_entity.pdbx_description
1 polymer 'Anti-Rev Antibody Fab single-chain variable fragment, heavy chain'
2 polymer 'Anti-Rev Antibody Fab single-chain variable fragment, light chain'
3 polymer 'Anti-Rev Antibody Fab single-chain variable fragment, heavy chain'
4 polymer 'Protein Rev'
5 non-polymer 'CHLORIDE ION'
6 water water
#
loop_
_entity_poly.entity_id
_entity_poly.type
_entity_poly.pdbx_seq_one_letter_code
_entity_poly.pdbx_strand_id
1 'polypeptide(L)'
;QEQLVESGGRLVTPGTALTLTCKVSGFSLSGFWLNWVRQAPGKGLEWVGAIYRGSGSEWYASWAKGRFTISDTSTTVTLK
LTSPTTEDTATYFCAADTTDNGYFTIWGPGTLVTVSSHHHHHH
;
A
2 'polypeptide(L)'
;ELVMTQTPSSVSEPVGGTVTIKCQASQSISSWLSWYQQKPGQPPKLLIYDASNLASGVPSRFMGSGSGTEYTLTISGVQR
EDAATYYCLGGYPAASYRTAFGGGTELEII
;
B,L
3 'polypeptide(L)'
;QEQLVESGGRLVTPGTALTLTCKVSGFSLSGFWLNWVRQAPGKGLEWVGAIYRGSGSEWYASWAKGRFTISDTSTTVTLK
LTSPTTEDTATYFCAADTTDNGYFTIWGPGTLVTVSS
;
H
4 'polypeptide(L)' MAGRSGDSDEDLLKAVRLIKFLYQSNPPPNPEGTRQARRNRRRRWRERQRQIHSISERILSTYLG M,N
#
loop_
_chem_comp.id
_chem_comp.type
_chem_comp.name
_chem_comp.formula
CL non-polymer 'CHLORIDE ION' 'Cl -1'
#
# COMPACT_ATOMS: atom_id res chain seq x y z
N GLN A 1 -23.51 26.00 15.95
CA GLN A 1 -23.69 24.61 15.54
C GLN A 1 -22.45 24.04 14.84
N GLU A 2 -22.60 23.34 13.69
CA GLU A 2 -21.49 22.72 12.96
C GLU A 2 -20.43 23.73 12.56
N GLN A 3 -19.18 23.47 12.95
CA GLN A 3 -18.05 24.34 12.68
C GLN A 3 -16.76 23.55 12.44
N LEU A 4 -15.95 24.05 11.49
CA LEU A 4 -14.63 23.50 11.14
C LEU A 4 -13.65 24.64 11.12
N VAL A 5 -12.50 24.50 11.84
CA VAL A 5 -11.47 25.53 11.89
C VAL A 5 -10.12 24.89 11.64
N GLU A 6 -9.44 25.30 10.56
CA GLU A 6 -8.11 24.78 10.31
C GLU A 6 -6.99 25.69 10.79
N SER A 7 -5.93 25.10 11.35
CA SER A 7 -4.77 25.81 11.89
C SER A 7 -3.50 25.03 11.54
N GLY A 8 -2.34 25.66 11.69
CA GLY A 8 -1.06 25.02 11.40
C GLY A 8 -0.35 25.56 10.18
N GLY A 9 -1.07 26.34 9.36
CA GLY A 9 -0.51 26.97 8.17
C GLY A 9 0.67 27.86 8.56
N ARG A 10 1.86 27.57 7.97
CA ARG A 10 3.15 28.25 8.20
C ARG A 10 3.94 28.40 6.91
N LEU A 11 5.05 29.15 6.99
CA LEU A 11 6.06 29.24 5.94
C LEU A 11 7.11 28.17 6.31
N VAL A 12 7.39 27.23 5.39
CA VAL A 12 8.34 26.16 5.64
C VAL A 12 9.32 25.98 4.47
N THR A 13 10.54 25.46 4.75
CA THR A 13 11.56 25.12 3.75
C THR A 13 11.20 23.74 3.20
N PRO A 14 11.55 23.37 1.95
CA PRO A 14 11.20 22.02 1.44
C PRO A 14 11.76 20.86 2.29
N GLY A 15 10.94 19.82 2.51
CA GLY A 15 11.30 18.66 3.31
C GLY A 15 10.94 18.78 4.78
N THR A 16 10.49 19.96 5.21
CA THR A 16 10.08 20.22 6.59
C THR A 16 8.69 19.64 6.85
N ALA A 17 8.64 18.53 7.64
CA ALA A 17 7.40 17.87 8.04
C ALA A 17 6.54 18.86 8.84
N LEU A 18 5.26 18.93 8.46
CA LEU A 18 4.27 19.88 8.97
C LEU A 18 2.92 19.16 9.23
N THR A 19 2.20 19.54 10.30
CA THR A 19 0.89 19.02 10.64
C THR A 19 -0.15 20.14 10.73
N LEU A 20 -1.26 19.97 10.00
CA LEU A 20 -2.38 20.91 10.03
C LEU A 20 -3.48 20.27 10.85
N THR A 21 -4.22 21.07 11.63
CA THR A 21 -5.32 20.53 12.42
C THR A 21 -6.67 21.15 12.09
N CYS A 22 -7.73 20.29 12.01
CA CYS A 22 -9.09 20.70 11.72
C CYS A 22 -9.89 20.51 13.02
N LYS A 23 -10.17 21.63 13.71
CA LYS A 23 -10.95 21.62 14.96
C LYS A 23 -12.42 21.39 14.56
N VAL A 24 -12.96 20.25 14.98
CA VAL A 24 -14.31 19.80 14.66
C VAL A 24 -15.25 20.06 15.85
N SER A 25 -16.27 20.93 15.66
CA SER A 25 -17.21 21.26 16.73
C SER A 25 -18.68 21.36 16.30
N GLY A 26 -19.57 21.08 17.24
CA GLY A 26 -21.02 21.17 17.06
C GLY A 26 -21.66 20.16 16.13
N PHE A 27 -20.99 19.03 15.85
CA PHE A 27 -21.54 17.97 15.01
C PHE A 27 -22.27 16.97 15.90
N SER A 28 -23.58 16.81 15.65
CA SER A 28 -24.47 15.90 16.38
C SER A 28 -24.09 14.44 16.03
N LEU A 29 -23.76 14.22 14.74
CA LEU A 29 -23.29 13.00 14.09
C LEU A 29 -22.09 12.48 14.83
N SER A 30 -21.92 11.15 14.83
CA SER A 30 -20.75 10.51 15.39
C SER A 30 -19.75 10.30 14.22
N GLY A 31 -20.13 9.43 13.27
CA GLY A 31 -19.33 9.10 12.11
C GLY A 31 -19.72 9.87 10.87
N PHE A 32 -18.72 10.42 10.18
CA PHE A 32 -18.89 11.15 8.95
C PHE A 32 -17.51 11.29 8.30
N TRP A 33 -17.52 11.53 6.99
CA TRP A 33 -16.31 11.75 6.22
C TRP A 33 -15.83 13.17 6.48
N LEU A 34 -14.58 13.32 6.93
CA LEU A 34 -13.95 14.62 7.12
C LEU A 34 -12.89 14.66 6.04
N ASN A 35 -13.08 15.52 5.03
CA ASN A 35 -12.21 15.66 3.86
C ASN A 35 -11.25 16.81 3.91
N TRP A 36 -10.10 16.62 3.25
CA TRP A 36 -9.05 17.61 3.08
C TRP A 36 -8.96 17.94 1.60
N VAL A 37 -9.05 19.24 1.31
CA VAL A 37 -9.04 19.84 -0.01
C VAL A 37 -7.99 20.93 0.02
N ARG A 38 -7.22 21.04 -1.06
CA ARG A 38 -6.22 22.09 -1.20
C ARG A 38 -6.43 22.92 -2.44
N GLN A 39 -5.92 24.16 -2.41
CA GLN A 39 -6.01 25.09 -3.55
C GLN A 39 -4.74 25.91 -3.63
N ALA A 40 -3.91 25.66 -4.67
CA ALA A 40 -2.69 26.45 -4.90
C ALA A 40 -3.13 27.85 -5.33
N PRO A 41 -2.35 28.92 -5.03
CA PRO A 41 -2.79 30.29 -5.41
C PRO A 41 -3.10 30.47 -6.90
N GLY A 42 -4.32 30.93 -7.19
CA GLY A 42 -4.85 31.11 -8.55
C GLY A 42 -5.28 29.82 -9.24
N LYS A 43 -5.34 28.68 -8.51
CA LYS A 43 -5.65 27.36 -9.09
C LYS A 43 -6.96 26.77 -8.60
N GLY A 44 -7.26 25.58 -9.07
CA GLY A 44 -8.49 24.87 -8.73
C GLY A 44 -8.40 24.06 -7.47
N LEU A 45 -9.56 23.59 -6.99
CA LEU A 45 -9.66 22.75 -5.79
C LEU A 45 -9.17 21.36 -6.14
N GLU A 46 -8.45 20.72 -5.20
CA GLU A 46 -7.88 19.40 -5.34
C GLU A 46 -8.21 18.60 -4.10
N TRP A 47 -8.77 17.40 -4.28
CA TRP A 47 -9.08 16.52 -3.16
C TRP A 47 -7.80 15.81 -2.74
N VAL A 48 -7.49 15.86 -1.45
CA VAL A 48 -6.27 15.24 -0.90
C VAL A 48 -6.64 13.85 -0.38
N GLY A 49 -7.63 13.81 0.49
CA GLY A 49 -8.11 12.60 1.12
C GLY A 49 -9.18 12.88 2.13
N ALA A 50 -9.58 11.82 2.82
CA ALA A 50 -10.61 11.85 3.87
C ALA A 50 -10.40 10.71 4.85
N ILE A 51 -11.03 10.83 6.02
CA ILE A 51 -11.08 9.82 7.04
C ILE A 51 -12.55 9.71 7.44
N TYR A 52 -13.08 8.48 7.66
CA TYR A 52 -14.44 8.36 8.15
C TYR A 52 -14.29 8.36 9.68
N ARG A 53 -14.66 9.49 10.29
CA ARG A 53 -14.48 9.78 11.71
C ARG A 53 -14.70 8.69 12.77
N GLY A 54 -15.76 7.92 12.71
CA GLY A 54 -15.87 6.87 13.73
C GLY A 54 -14.75 5.80 13.74
N SER A 55 -14.21 5.53 12.57
CA SER A 55 -13.26 4.48 12.31
C SER A 55 -11.82 5.00 12.17
N GLY A 56 -10.98 4.18 11.55
CA GLY A 56 -9.63 4.60 11.21
C GLY A 56 -9.48 4.53 9.71
N SER A 57 -10.61 4.62 8.98
CA SER A 57 -10.65 4.45 7.53
C SER A 57 -10.22 5.68 6.76
N GLU A 58 -8.94 5.67 6.32
CA GLU A 58 -8.24 6.73 5.57
C GLU A 58 -8.26 6.43 4.09
N TRP A 59 -8.58 7.46 3.28
CA TRP A 59 -8.62 7.33 1.81
C TRP A 59 -7.87 8.51 1.23
N TYR A 60 -6.98 8.24 0.27
CA TYR A 60 -6.10 9.25 -0.32
C TYR A 60 -6.19 9.30 -1.82
N ALA A 61 -5.96 10.49 -2.39
CA ALA A 61 -5.84 10.68 -3.84
C ALA A 61 -4.53 9.97 -4.26
N SER A 62 -4.47 9.43 -5.49
CA SER A 62 -3.32 8.71 -6.05
C SER A 62 -1.99 9.43 -5.82
N TRP A 63 -2.00 10.77 -5.98
CA TRP A 63 -0.81 11.61 -5.83
C TRP A 63 -0.50 11.89 -4.34
N ALA A 64 -1.53 11.84 -3.46
CA ALA A 64 -1.41 12.16 -2.03
C ALA A 64 -0.76 11.07 -1.17
N LYS A 65 -0.94 9.79 -1.54
CA LYS A 65 -0.42 8.64 -0.78
C LYS A 65 1.11 8.63 -0.62
N GLY A 66 1.53 8.50 0.65
CA GLY A 66 2.92 8.55 1.05
C GLY A 66 3.39 9.93 1.46
N ARG A 67 2.74 10.98 0.92
CA ARG A 67 3.09 12.39 1.17
C ARG A 67 2.19 13.03 2.24
N PHE A 68 1.02 12.45 2.48
CA PHE A 68 0.03 12.98 3.42
C PHE A 68 -0.52 11.86 4.29
N THR A 69 -0.74 12.17 5.58
CA THR A 69 -1.30 11.24 6.58
C THR A 69 -2.42 11.95 7.30
N ILE A 70 -3.62 11.39 7.21
CA ILE A 70 -4.80 11.95 7.86
C ILE A 70 -5.00 11.16 9.12
N SER A 71 -5.20 11.84 10.24
CA SER A 71 -5.34 11.17 11.52
C SER A 71 -6.54 11.72 12.27
N ASP A 72 -7.28 10.85 12.90
CA ASP A 72 -8.45 11.22 13.67
C ASP A 72 -8.14 11.30 15.17
N THR A 73 -8.66 12.34 15.82
CA THR A 73 -8.56 12.63 17.25
C THR A 73 -10.01 12.76 17.75
N SER A 74 -10.16 12.88 19.08
CA SER A 74 -11.42 13.04 19.81
C SER A 74 -12.26 14.23 19.32
N THR A 75 -11.61 15.39 19.12
CA THR A 75 -12.20 16.68 18.77
C THR A 75 -11.52 17.32 17.55
N THR A 76 -10.66 16.53 16.86
CA THR A 76 -9.84 17.01 15.76
C THR A 76 -9.57 15.93 14.69
N VAL A 77 -9.18 16.40 13.49
CA VAL A 77 -8.68 15.60 12.38
C VAL A 77 -7.44 16.33 11.90
N THR A 78 -6.29 15.64 11.85
CA THR A 78 -5.03 16.24 11.40
C THR A 78 -4.61 15.80 10.00
N LEU A 79 -3.85 16.65 9.29
CA LEU A 79 -3.25 16.33 8.00
C LEU A 79 -1.76 16.63 8.11
N LYS A 80 -0.92 15.59 8.10
CA LYS A 80 0.53 15.71 8.16
C LYS A 80 1.10 15.63 6.73
N LEU A 81 1.94 16.60 6.38
CA LEU A 81 2.67 16.73 5.10
C LEU A 81 4.05 16.19 5.45
N THR A 82 4.29 14.93 5.06
CA THR A 82 5.49 14.17 5.39
C THR A 82 6.79 14.79 4.85
N SER A 83 6.82 15.17 3.56
CA SER A 83 7.96 15.84 2.94
C SER A 83 7.51 16.85 1.87
N PRO A 84 7.10 18.07 2.32
CA PRO A 84 6.63 19.11 1.38
C PRO A 84 7.67 19.64 0.39
N THR A 85 7.17 20.02 -0.80
CA THR A 85 7.93 20.61 -1.91
C THR A 85 7.23 21.93 -2.26
N THR A 86 7.83 22.75 -3.16
CA THR A 86 7.24 24.02 -3.61
C THR A 86 5.84 23.85 -4.25
N GLU A 87 5.59 22.65 -4.84
CA GLU A 87 4.31 22.28 -5.46
C GLU A 87 3.17 22.06 -4.43
N ASP A 88 3.52 22.02 -3.12
CA ASP A 88 2.58 21.81 -2.01
C ASP A 88 2.13 23.13 -1.37
N THR A 89 2.57 24.25 -1.95
CA THR A 89 2.13 25.58 -1.50
C THR A 89 0.65 25.69 -1.88
N ALA A 90 -0.20 25.90 -0.87
CA ALA A 90 -1.64 26.00 -1.08
C ALA A 90 -2.33 26.39 0.20
N THR A 91 -3.63 26.74 0.06
CA THR A 91 -4.55 26.92 1.19
C THR A 91 -5.13 25.50 1.38
N TYR A 92 -5.11 24.96 2.61
CA TYR A 92 -5.70 23.65 2.89
C TYR A 92 -6.99 23.84 3.67
N PHE A 93 -8.11 23.33 3.12
CA PHE A 93 -9.43 23.36 3.75
C PHE A 93 -9.81 21.95 4.24
N CYS A 94 -10.57 21.87 5.34
CA CYS A 94 -11.23 20.66 5.76
C CYS A 94 -12.74 20.85 5.44
N ALA A 95 -13.39 19.78 4.96
CA ALA A 95 -14.79 19.84 4.53
C ALA A 95 -15.47 18.58 5.01
N ALA A 96 -16.60 18.74 5.68
CA ALA A 96 -17.34 17.63 6.22
C ALA A 96 -18.53 17.24 5.34
N ASP A 97 -18.76 15.93 5.21
CA ASP A 97 -19.88 15.35 4.51
C ASP A 97 -20.85 14.92 5.66
N THR A 98 -21.99 15.63 5.79
CA THR A 98 -22.95 15.37 6.88
C THR A 98 -23.97 14.24 6.65
N THR A 99 -24.01 13.67 5.44
CA THR A 99 -25.01 12.66 5.10
C THR A 99 -24.44 11.28 4.81
N ASP A 100 -23.19 11.23 4.35
CA ASP A 100 -22.44 10.03 3.92
C ASP A 100 -22.62 9.88 2.41
N ASN A 101 -23.35 10.81 1.80
CA ASN A 101 -23.68 10.79 0.38
C ASN A 101 -22.61 11.33 -0.58
N GLY A 102 -21.49 11.80 -0.05
CA GLY A 102 -20.36 12.19 -0.90
C GLY A 102 -20.08 13.67 -1.08
N TYR A 103 -21.09 14.50 -0.87
CA TYR A 103 -20.98 15.94 -1.05
C TYR A 103 -20.64 16.65 0.26
N PHE A 104 -19.98 17.83 0.14
CA PHE A 104 -19.46 18.63 1.23
C PHE A 104 -20.37 19.78 1.56
N THR A 105 -20.97 19.75 2.77
CA THR A 105 -21.92 20.76 3.23
C THR A 105 -21.26 21.82 4.12
N ILE A 106 -20.23 21.43 4.90
CA ILE A 106 -19.56 22.36 5.82
C ILE A 106 -18.07 22.45 5.49
N TRP A 107 -17.53 23.67 5.43
CA TRP A 107 -16.13 23.96 5.10
C TRP A 107 -15.52 24.84 6.18
N GLY A 108 -14.21 24.70 6.34
CA GLY A 108 -13.44 25.57 7.21
C GLY A 108 -12.99 26.77 6.40
N PRO A 109 -12.51 27.88 7.02
CA PRO A 109 -12.05 29.02 6.20
C PRO A 109 -10.74 28.80 5.46
N GLY A 110 -10.00 27.75 5.82
CA GLY A 110 -8.71 27.42 5.22
C GLY A 110 -7.51 27.89 6.03
N THR A 111 -6.36 27.24 5.78
CA THR A 111 -5.07 27.53 6.40
C THR A 111 -4.03 27.54 5.30
N LEU A 112 -3.20 28.57 5.23
CA LEU A 112 -2.24 28.71 4.15
C LEU A 112 -0.90 28.13 4.48
N VAL A 113 -0.39 27.28 3.59
CA VAL A 113 0.92 26.67 3.69
C VAL A 113 1.74 27.21 2.51
N THR A 114 2.96 27.77 2.81
CA THR A 114 3.89 28.24 1.80
C THR A 114 5.19 27.46 1.96
N VAL A 115 5.62 26.79 0.88
CA VAL A 115 6.87 26.03 0.85
C VAL A 115 7.86 26.79 -0.02
N SER A 116 8.91 27.32 0.62
CA SER A 116 9.94 28.12 -0.05
C SER A 116 11.23 28.09 0.76
N SER A 117 12.35 28.28 0.06
CA SER A 117 13.67 28.34 0.69
C SER A 117 13.97 29.80 1.17
N HIS A 118 13.05 30.73 0.85
CA HIS A 118 13.12 32.15 1.17
C HIS A 118 12.15 32.53 2.27
N HIS A 119 12.49 33.59 3.04
CA HIS A 119 11.67 34.23 4.06
C HIS A 119 10.60 35.06 3.32
N HIS A 120 9.61 35.61 4.03
CA HIS A 120 8.64 36.48 3.35
C HIS A 120 9.30 37.77 2.87
N HIS A 121 8.72 38.33 1.79
CA HIS A 121 9.08 39.58 1.11
C HIS A 121 7.79 40.32 0.82
N HIS A 122 7.76 41.64 1.05
CA HIS A 122 6.59 42.45 0.70
C HIS A 122 6.57 42.61 -0.81
N HIS A 123 5.36 42.82 -1.40
CA HIS A 123 5.18 42.99 -2.85
C HIS A 123 5.63 44.36 -3.30
N GLU B 1 -7.80 7.91 -9.83
CA GLU B 1 -8.31 7.23 -11.03
C GLU B 1 -9.43 8.04 -11.71
N LEU B 2 -10.44 8.49 -10.94
CA LEU B 2 -11.55 9.29 -11.45
C LEU B 2 -11.08 10.68 -11.89
N VAL B 3 -11.43 11.05 -13.13
CA VAL B 3 -11.11 12.35 -13.69
C VAL B 3 -12.43 13.03 -14.08
N MET B 4 -12.64 14.28 -13.60
CA MET B 4 -13.81 15.09 -13.95
C MET B 4 -13.34 16.20 -14.90
N THR B 5 -13.72 16.10 -16.18
CA THR B 5 -13.35 17.09 -17.20
C THR B 5 -14.41 18.21 -17.23
N GLN B 6 -14.05 19.42 -16.74
CA GLN B 6 -14.96 20.57 -16.68
C GLN B 6 -14.73 21.58 -17.79
N THR B 7 -15.82 21.93 -18.49
CA THR B 7 -15.80 22.90 -19.59
C THR B 7 -16.97 23.91 -19.50
N PRO B 8 -16.79 25.21 -19.91
CA PRO B 8 -15.53 25.85 -20.35
C PRO B 8 -14.68 26.28 -19.16
N SER B 9 -13.47 26.81 -19.42
CA SER B 9 -12.54 27.32 -18.39
C SER B 9 -13.00 28.69 -17.91
N SER B 10 -13.62 29.45 -18.80
CA SER B 10 -14.11 30.81 -18.53
C SER B 10 -15.32 31.17 -19.35
N VAL B 11 -16.23 31.92 -18.74
CA VAL B 11 -17.47 32.38 -19.38
C VAL B 11 -17.74 33.82 -18.97
N SER B 12 -18.11 34.66 -19.95
CA SER B 12 -18.51 36.05 -19.78
C SER B 12 -19.95 36.12 -20.25
N GLU B 13 -20.85 36.58 -19.39
CA GLU B 13 -22.28 36.66 -19.68
C GLU B 13 -22.89 37.95 -19.14
N PRO B 14 -23.78 38.63 -19.89
CA PRO B 14 -24.43 39.83 -19.34
C PRO B 14 -25.52 39.43 -18.35
N VAL B 15 -25.91 40.36 -17.46
CA VAL B 15 -27.00 40.16 -16.48
C VAL B 15 -28.28 39.68 -17.24
N GLY B 16 -28.93 38.64 -16.72
CA GLY B 16 -30.14 38.08 -17.31
C GLY B 16 -29.94 36.98 -18.32
N GLY B 17 -28.70 36.68 -18.66
CA GLY B 17 -28.35 35.60 -19.59
C GLY B 17 -28.29 34.23 -18.95
N THR B 18 -28.23 33.17 -19.76
CA THR B 18 -28.16 31.79 -19.28
C THR B 18 -26.74 31.24 -19.42
N VAL B 19 -26.19 30.68 -18.33
CA VAL B 19 -24.86 30.07 -18.28
C VAL B 19 -24.96 28.53 -18.22
N THR B 20 -24.23 27.83 -19.11
CA THR B 20 -24.17 26.36 -19.10
C THR B 20 -22.74 25.88 -18.82
N ILE B 21 -22.56 25.10 -17.74
CA ILE B 21 -21.26 24.56 -17.31
C ILE B 21 -21.34 23.01 -17.32
N LYS B 22 -20.39 22.34 -17.98
CA LYS B 22 -20.40 20.90 -18.12
C LYS B 22 -19.24 20.18 -17.45
N CYS B 23 -19.54 18.99 -16.89
CA CYS B 23 -18.58 18.08 -16.28
C CYS B 23 -18.81 16.66 -16.82
N GLN B 24 -17.74 16.05 -17.35
CA GLN B 24 -17.74 14.69 -17.87
C GLN B 24 -16.92 13.81 -16.94
N ALA B 25 -17.54 12.70 -16.44
CA ALA B 25 -16.90 11.73 -15.54
C ALA B 25 -16.19 10.65 -16.33
N SER B 26 -14.92 10.33 -15.94
CA SER B 26 -14.11 9.29 -16.59
C SER B 26 -14.61 7.87 -16.22
N GLN B 27 -15.49 7.77 -15.21
CA GLN B 27 -16.08 6.54 -14.71
C GLN B 27 -17.54 6.77 -14.33
N SER B 28 -18.34 5.70 -14.21
CA SER B 28 -19.74 5.80 -13.83
C SER B 28 -19.85 6.20 -12.36
N ILE B 29 -20.39 7.39 -12.12
CA ILE B 29 -20.54 7.97 -10.78
C ILE B 29 -22.00 8.09 -10.33
N SER B 30 -22.96 7.90 -11.28
CA SER B 30 -24.40 8.02 -11.02
C SER B 30 -24.70 9.40 -10.39
N SER B 31 -25.39 9.47 -9.23
CA SER B 31 -25.75 10.74 -8.58
C SER B 31 -24.66 11.28 -7.65
N TRP B 32 -23.47 10.65 -7.67
CA TRP B 32 -22.34 11.11 -6.85
C TRP B 32 -21.68 12.31 -7.53
N LEU B 33 -22.47 13.40 -7.72
CA LEU B 33 -22.01 14.62 -8.31
C LEU B 33 -22.61 15.86 -7.63
N SER B 34 -21.73 16.78 -7.22
CA SER B 34 -22.15 18.04 -6.60
C SER B 34 -21.45 19.25 -7.25
N TRP B 35 -22.09 20.43 -7.20
CA TRP B 35 -21.59 21.68 -7.73
C TRP B 35 -21.36 22.68 -6.61
N TYR B 36 -20.23 23.43 -6.71
CA TYR B 36 -19.77 24.40 -5.74
C TYR B 36 -19.48 25.74 -6.39
N GLN B 37 -19.68 26.82 -5.62
CA GLN B 37 -19.41 28.20 -6.00
C GLN B 37 -18.33 28.74 -5.05
N GLN B 38 -17.28 29.35 -5.62
CA GLN B 38 -16.20 29.95 -4.82
C GLN B 38 -15.90 31.38 -5.29
N LYS B 39 -15.90 32.30 -4.32
CA LYS B 39 -15.61 33.72 -4.50
C LYS B 39 -14.26 33.98 -3.82
N PRO B 40 -13.50 35.04 -4.25
CA PRO B 40 -12.17 35.29 -3.67
C PRO B 40 -12.15 35.51 -2.15
N GLY B 41 -11.18 34.89 -1.49
CA GLY B 41 -10.97 34.94 -0.05
C GLY B 41 -11.93 34.10 0.79
N GLN B 42 -12.81 33.32 0.14
CA GLN B 42 -13.84 32.52 0.82
C GLN B 42 -13.72 31.02 0.52
N PRO B 43 -14.20 30.12 1.43
CA PRO B 43 -14.21 28.69 1.07
C PRO B 43 -15.35 28.42 0.09
N PRO B 44 -15.33 27.30 -0.68
CA PRO B 44 -16.45 27.02 -1.60
C PRO B 44 -17.79 26.80 -0.91
N LYS B 45 -18.87 27.03 -1.64
CA LYS B 45 -20.23 26.85 -1.13
C LYS B 45 -21.04 25.84 -1.98
N LEU B 46 -21.70 24.88 -1.34
CA LEU B 46 -22.55 23.89 -2.04
C LEU B 46 -23.77 24.55 -2.74
N LEU B 47 -23.97 24.19 -4.02
CA LEU B 47 -25.06 24.65 -4.86
C LEU B 47 -26.03 23.54 -5.17
N ILE B 48 -25.50 22.40 -5.68
CA ILE B 48 -26.27 21.24 -6.12
C ILE B 48 -25.70 19.98 -5.53
N TYR B 49 -26.57 19.09 -5.08
CA TYR B 49 -26.13 17.82 -4.52
C TYR B 49 -26.89 16.70 -5.15
N ASP B 50 -26.34 15.47 -5.12
CA ASP B 50 -26.97 14.29 -5.74
C ASP B 50 -27.35 14.59 -7.23
N ALA B 51 -26.46 15.30 -7.95
CA ALA B 51 -26.56 15.71 -9.38
C ALA B 51 -27.61 16.77 -9.75
N SER B 52 -28.79 16.74 -9.12
CA SER B 52 -29.91 17.60 -9.50
C SER B 52 -30.73 18.26 -8.37
N ASN B 53 -30.28 18.18 -7.10
CA ASN B 53 -31.04 18.76 -6.00
C ASN B 53 -30.50 20.08 -5.60
N LEU B 54 -31.41 21.04 -5.40
CA LEU B 54 -31.01 22.40 -5.02
C LEU B 54 -30.68 22.45 -3.53
N ALA B 55 -29.48 22.93 -3.19
CA ALA B 55 -29.07 23.02 -1.79
C ALA B 55 -29.74 24.16 -1.06
N SER B 56 -29.86 24.02 0.27
CA SER B 56 -30.43 24.98 1.21
C SER B 56 -29.75 26.35 1.06
N GLY B 57 -30.54 27.39 0.88
CA GLY B 57 -30.05 28.76 0.71
C GLY B 57 -29.53 29.14 -0.65
N VAL B 58 -29.83 28.36 -1.72
CA VAL B 58 -29.34 28.66 -3.05
C VAL B 58 -30.47 29.16 -3.95
N PRO B 59 -30.27 30.29 -4.68
CA PRO B 59 -31.33 30.80 -5.59
C PRO B 59 -31.77 29.75 -6.60
N SER B 60 -33.08 29.74 -6.92
CA SER B 60 -33.72 28.79 -7.83
C SER B 60 -33.21 28.85 -9.27
N ARG B 61 -32.46 29.92 -9.62
CA ARG B 61 -31.84 30.10 -10.94
C ARG B 61 -30.71 29.07 -11.20
N PHE B 62 -30.19 28.43 -10.13
CA PHE B 62 -29.16 27.37 -10.22
C PHE B 62 -29.83 26.02 -10.41
N MET B 63 -29.51 25.33 -11.50
CA MET B 63 -30.10 24.04 -11.85
C MET B 63 -29.01 23.01 -12.17
N GLY B 64 -29.20 21.78 -11.68
CA GLY B 64 -28.29 20.67 -11.94
C GLY B 64 -29.00 19.55 -12.65
N SER B 65 -28.34 18.90 -13.61
CA SER B 65 -28.88 17.75 -14.34
C SER B 65 -27.76 16.80 -14.76
N GLY B 66 -28.11 15.54 -14.93
CA GLY B 66 -27.15 14.51 -15.32
C GLY B 66 -27.77 13.45 -16.19
N SER B 67 -27.03 13.04 -17.23
CA SER B 67 -27.43 11.98 -18.17
C SER B 67 -26.19 11.14 -18.39
N GLY B 68 -26.20 9.93 -17.82
CA GLY B 68 -25.07 9.01 -17.87
C GLY B 68 -23.81 9.59 -17.24
N THR B 69 -22.84 9.90 -18.09
CA THR B 69 -21.53 10.43 -17.76
C THR B 69 -21.40 11.98 -17.84
N GLU B 70 -22.42 12.63 -18.47
CA GLU B 70 -22.48 14.09 -18.67
C GLU B 70 -23.35 14.77 -17.62
N TYR B 71 -22.79 15.81 -16.97
CA TYR B 71 -23.45 16.60 -15.91
C TYR B 71 -23.43 18.06 -16.27
N THR B 72 -24.56 18.76 -16.02
CA THR B 72 -24.71 20.16 -16.38
C THR B 72 -25.17 21.03 -15.22
N LEU B 73 -24.51 22.19 -15.06
CA LEU B 73 -24.88 23.24 -14.14
C LEU B 73 -25.35 24.42 -15.00
N THR B 74 -26.66 24.74 -14.90
CA THR B 74 -27.29 25.86 -15.59
C THR B 74 -27.63 26.97 -14.59
N ILE B 75 -27.32 28.22 -14.93
CA ILE B 75 -27.67 29.42 -14.16
C ILE B 75 -28.52 30.23 -15.15
N SER B 76 -29.84 30.18 -14.99
CA SER B 76 -30.81 30.79 -15.90
C SER B 76 -30.81 32.32 -16.00
N GLY B 77 -31.03 33.04 -14.91
CA GLY B 77 -31.06 34.50 -15.02
C GLY B 77 -29.94 35.18 -14.30
N VAL B 78 -28.67 34.98 -14.78
CA VAL B 78 -27.42 35.47 -14.17
C VAL B 78 -27.47 36.87 -13.56
N GLN B 79 -27.07 36.95 -12.29
CA GLN B 79 -27.01 38.20 -11.54
C GLN B 79 -25.56 38.56 -11.29
N ARG B 80 -25.27 39.83 -10.94
CA ARG B 80 -23.91 40.33 -10.68
C ARG B 80 -23.21 39.54 -9.59
N GLU B 81 -23.96 39.13 -8.55
CA GLU B 81 -23.44 38.30 -7.44
C GLU B 81 -23.04 36.87 -7.85
N ASP B 82 -23.38 36.44 -9.08
CA ASP B 82 -23.02 35.11 -9.58
C ASP B 82 -21.58 35.05 -10.16
N ALA B 83 -20.87 36.21 -10.19
CA ALA B 83 -19.48 36.28 -10.65
C ALA B 83 -18.65 35.54 -9.59
N ALA B 84 -18.03 34.42 -10.01
CA ALA B 84 -17.31 33.50 -9.13
C ALA B 84 -16.65 32.46 -9.98
N THR B 85 -16.05 31.47 -9.31
CA THR B 85 -15.48 30.30 -9.95
C THR B 85 -16.27 29.04 -9.49
N TYR B 86 -16.63 28.18 -10.46
CA TYR B 86 -17.48 27.02 -10.21
C TYR B 86 -16.75 25.71 -10.39
N TYR B 87 -17.08 24.73 -9.54
CA TYR B 87 -16.46 23.40 -9.53
C TYR B 87 -17.46 22.28 -9.33
N CYS B 88 -17.26 21.18 -10.05
CA CYS B 88 -18.04 19.96 -9.82
C CYS B 88 -17.14 19.03 -8.97
N LEU B 89 -17.77 18.12 -8.22
CA LEU B 89 -17.10 17.12 -7.40
C LEU B 89 -17.77 15.79 -7.69
N GLY B 90 -17.02 14.84 -8.25
CA GLY B 90 -17.55 13.53 -8.60
C GLY B 90 -16.95 12.41 -7.76
N GLY B 91 -17.70 11.29 -7.67
CA GLY B 91 -17.23 10.09 -6.98
C GLY B 91 -17.47 10.03 -5.49
N TYR B 92 -16.73 9.16 -4.81
CA TYR B 92 -16.89 8.88 -3.39
C TYR B 92 -15.53 8.54 -2.77
N PRO B 93 -15.21 8.96 -1.52
CA PRO B 93 -13.88 8.68 -0.96
C PRO B 93 -13.44 7.21 -0.94
N ALA B 94 -14.37 6.26 -0.60
CA ALA B 94 -14.10 4.82 -0.52
C ALA B 94 -14.33 4.06 -1.86
N ALA B 95 -14.71 4.78 -2.93
CA ALA B 95 -14.89 4.14 -4.25
C ALA B 95 -13.49 3.77 -4.78
N SER B 96 -13.40 2.75 -5.64
CA SER B 96 -12.13 2.32 -6.22
C SER B 96 -11.41 3.48 -6.93
N TYR B 97 -12.19 4.35 -7.57
CA TYR B 97 -11.72 5.50 -8.34
C TYR B 97 -11.59 6.82 -7.52
N ARG B 98 -11.87 6.75 -6.18
CA ARG B 98 -11.83 7.89 -5.24
C ARG B 98 -12.87 8.97 -5.64
N THR B 99 -12.62 10.22 -5.20
CA THR B 99 -13.42 11.40 -5.49
C THR B 99 -12.54 12.51 -6.11
N ALA B 100 -13.10 13.29 -7.06
CA ALA B 100 -12.31 14.32 -7.75
C ALA B 100 -13.09 15.56 -8.17
N PHE B 101 -12.40 16.72 -8.15
CA PHE B 101 -12.94 18.00 -8.59
C PHE B 101 -12.64 18.21 -10.07
N GLY B 102 -13.53 18.92 -10.75
CA GLY B 102 -13.26 19.38 -12.10
C GLY B 102 -12.30 20.56 -12.02
N GLY B 103 -11.71 20.94 -13.15
CA GLY B 103 -10.75 22.04 -13.21
C GLY B 103 -11.31 23.44 -12.94
N GLY B 104 -12.63 23.56 -12.82
CA GLY B 104 -13.26 24.84 -12.55
C GLY B 104 -13.62 25.69 -13.74
N THR B 105 -14.60 26.58 -13.54
CA THR B 105 -15.07 27.53 -14.54
C THR B 105 -15.16 28.92 -13.92
N GLU B 106 -14.43 29.87 -14.50
CA GLU B 106 -14.47 31.23 -14.01
C GLU B 106 -15.56 32.02 -14.73
N LEU B 107 -16.59 32.43 -13.99
CA LEU B 107 -17.68 33.18 -14.56
C LEU B 107 -17.54 34.66 -14.26
N GLU B 108 -17.52 35.46 -15.32
CA GLU B 108 -17.48 36.92 -15.27
C GLU B 108 -18.82 37.46 -15.78
N ILE B 109 -19.34 38.52 -15.16
CA ILE B 109 -20.61 39.12 -15.58
C ILE B 109 -20.47 40.51 -16.18
N ILE B 110 -20.97 40.67 -17.43
CA ILE B 110 -21.00 41.93 -18.19
C ILE B 110 -22.31 42.65 -17.84
N GLN C 1 1.79 -13.35 15.15
CA GLN C 1 2.91 -14.28 15.17
C GLN C 1 4.15 -13.74 14.43
N GLU C 2 4.77 -14.54 13.52
CA GLU C 2 6.00 -14.14 12.81
C GLU C 2 5.82 -12.84 12.04
N GLN C 3 6.72 -11.89 12.28
CA GLN C 3 6.69 -10.57 11.64
C GLN C 3 8.09 -10.03 11.41
N LEU C 4 8.27 -9.37 10.25
CA LEU C 4 9.51 -8.68 9.85
C LEU C 4 9.16 -7.27 9.40
N VAL C 5 9.84 -6.26 9.95
CA VAL C 5 9.61 -4.85 9.58
C VAL C 5 10.94 -4.19 9.30
N GLU C 6 11.12 -3.71 8.06
CA GLU C 6 12.34 -2.97 7.74
C GLU C 6 12.18 -1.45 7.80
N SER C 7 13.22 -0.78 8.32
CA SER C 7 13.24 0.68 8.46
C SER C 7 14.64 1.20 8.13
N GLY C 8 14.78 2.52 7.94
CA GLY C 8 16.06 3.14 7.63
C GLY C 8 16.18 3.68 6.24
N GLY C 9 15.26 3.29 5.37
CA GLY C 9 15.21 3.77 4.00
C GLY C 9 15.11 5.29 3.95
N ARG C 10 16.08 5.94 3.26
CA ARG C 10 16.24 7.41 3.11
C ARG C 10 16.76 7.76 1.71
N LEU C 11 16.83 9.07 1.42
CA LEU C 11 17.49 9.61 0.25
C LEU C 11 18.91 9.98 0.77
N VAL C 12 19.96 9.42 0.13
CA VAL C 12 21.37 9.65 0.49
C VAL C 12 22.22 10.02 -0.72
N THR C 13 23.28 10.82 -0.49
CA THR C 13 24.24 11.19 -1.52
C THR C 13 25.19 9.99 -1.65
N PRO C 14 25.78 9.70 -2.85
CA PRO C 14 26.68 8.55 -2.98
C PRO C 14 27.93 8.59 -2.09
N GLY C 15 28.14 7.52 -1.34
CA GLY C 15 29.26 7.35 -0.41
C GLY C 15 28.89 7.55 1.05
N THR C 16 27.62 7.99 1.33
CA THR C 16 27.06 8.22 2.66
C THR C 16 26.66 6.88 3.28
N ALA C 17 27.38 6.46 4.34
CA ALA C 17 27.10 5.22 5.05
C ALA C 17 25.67 5.27 5.64
N LEU C 18 24.93 4.18 5.41
CA LEU C 18 23.52 4.02 5.78
C LEU C 18 23.29 2.63 6.39
N THR C 19 22.47 2.53 7.45
CA THR C 19 22.10 1.28 8.10
C THR C 19 20.60 1.08 8.05
N LEU C 20 20.18 -0.11 7.60
CA LEU C 20 18.78 -0.50 7.56
C LEU C 20 18.57 -1.50 8.67
N THR C 21 17.41 -1.46 9.34
CA THR C 21 17.13 -2.42 10.39
C THR C 21 15.87 -3.30 10.11
N CYS C 22 15.98 -4.61 10.39
CA CYS C 22 14.90 -5.57 10.24
C CYS C 22 14.45 -5.97 11.65
N LYS C 23 13.31 -5.44 12.08
CA LYS C 23 12.72 -5.73 13.38
C LYS C 23 12.10 -7.13 13.31
N VAL C 24 12.66 -8.07 14.07
CA VAL C 24 12.28 -9.47 14.08
C VAL C 24 11.39 -9.78 15.31
N SER C 25 10.13 -10.19 15.07
CA SER C 25 9.20 -10.48 16.15
C SER C 25 8.31 -11.72 15.93
N GLY C 26 7.90 -12.34 17.04
CA GLY C 26 7.03 -13.52 17.06
C GLY C 26 7.60 -14.81 16.51
N PHE C 27 8.93 -14.93 16.41
CA PHE C 27 9.57 -16.16 15.95
C PHE C 27 9.84 -17.07 17.15
N SER C 28 9.25 -18.27 17.13
CA SER C 28 9.39 -19.30 18.19
C SER C 28 10.81 -19.86 18.15
N LEU C 29 11.33 -20.04 16.91
CA LEU C 29 12.68 -20.48 16.55
C LEU C 29 13.70 -19.58 17.22
N SER C 30 14.88 -20.15 17.53
CA SER C 30 15.98 -19.35 18.04
C SER C 30 16.89 -18.99 16.83
N GLY C 31 17.49 -20.02 16.21
CA GLY C 31 18.35 -19.85 15.05
C GLY C 31 17.66 -20.08 13.75
N PHE C 32 17.88 -19.17 12.79
CA PHE C 32 17.32 -19.24 11.45
C PHE C 32 18.06 -18.25 10.58
N TRP C 33 18.04 -18.48 9.27
CA TRP C 33 18.64 -17.59 8.28
C TRP C 33 17.73 -16.38 8.11
N LEU C 34 18.28 -15.17 8.31
CA LEU C 34 17.56 -13.93 8.07
C LEU C 34 18.27 -13.35 6.86
N ASN C 35 17.56 -13.32 5.70
CA ASN C 35 18.08 -12.85 4.41
C ASN C 35 17.70 -11.44 4.05
N TRP C 36 18.60 -10.78 3.28
CA TRP C 36 18.41 -9.45 2.71
C TRP C 36 18.36 -9.59 1.20
N VAL C 37 17.28 -9.08 0.63
CA VAL C 37 16.93 -9.09 -0.79
C VAL C 37 16.64 -7.65 -1.20
N ARG C 38 17.13 -7.25 -2.38
CA ARG C 38 16.90 -5.93 -2.91
C ARG C 38 16.23 -5.97 -4.27
N GLN C 39 15.54 -4.89 -4.62
CA GLN C 39 14.87 -4.75 -5.92
C GLN C 39 14.96 -3.31 -6.41
N ALA C 40 15.76 -3.08 -7.47
CA ALA C 40 15.87 -1.74 -8.07
C ALA C 40 14.52 -1.45 -8.76
N PRO C 41 14.11 -0.16 -8.88
CA PRO C 41 12.80 0.14 -9.52
C PRO C 41 12.63 -0.43 -10.94
N GLY C 42 11.57 -1.23 -11.12
CA GLY C 42 11.26 -1.93 -12.37
C GLY C 42 12.15 -3.14 -12.68
N LYS C 43 12.94 -3.61 -11.68
CA LYS C 43 13.87 -4.72 -11.86
C LYS C 43 13.52 -5.95 -11.04
N GLY C 44 14.34 -7.00 -11.18
CA GLY C 44 14.16 -8.26 -10.48
C GLY C 44 14.73 -8.28 -9.07
N LEU C 45 14.40 -9.35 -8.35
CA LEU C 45 14.88 -9.53 -6.98
C LEU C 45 16.32 -9.96 -7.04
N GLU C 46 17.13 -9.47 -6.08
CA GLU C 46 18.56 -9.78 -5.97
C GLU C 46 18.88 -10.15 -4.55
N TRP C 47 19.56 -11.28 -4.35
CA TRP C 47 19.96 -11.69 -3.00
C TRP C 47 21.23 -10.93 -2.63
N VAL C 48 21.21 -10.32 -1.43
CA VAL C 48 22.34 -9.53 -0.95
C VAL C 48 23.22 -10.42 -0.06
N GLY C 49 22.58 -11.03 0.93
CA GLY C 49 23.23 -11.88 1.89
C GLY C 49 22.27 -12.32 2.98
N ALA C 50 22.81 -13.06 3.95
CA ALA C 50 22.07 -13.60 5.10
C ALA C 50 23.01 -13.79 6.28
N ILE C 51 22.42 -13.91 7.47
CA ILE C 51 23.11 -14.22 8.70
C ILE C 51 22.31 -15.38 9.35
N TYR C 52 22.98 -16.39 9.95
CA TYR C 52 22.24 -17.42 10.66
C TYR C 52 22.16 -16.91 12.09
N ARG C 53 20.98 -16.41 12.46
CA ARG C 53 20.69 -15.74 13.73
C ARG C 53 21.32 -16.22 15.04
N GLY C 54 21.33 -17.50 15.33
CA GLY C 54 22.01 -17.87 16.58
C GLY C 54 23.53 -17.57 16.67
N SER C 55 24.17 -17.61 15.53
CA SER C 55 25.60 -17.50 15.38
C SER C 55 26.04 -16.09 14.88
N GLY C 56 27.23 -16.02 14.34
CA GLY C 56 27.70 -14.79 13.73
C GLY C 56 28.01 -15.11 12.28
N SER C 57 27.37 -16.17 11.73
CA SER C 57 27.64 -16.67 10.39
C SER C 57 26.97 -15.86 9.28
N GLU C 58 27.76 -14.95 8.66
CA GLU C 58 27.38 -14.04 7.58
C GLU C 58 27.77 -14.60 6.24
N TRP C 59 26.86 -14.50 5.26
CA TRP C 59 27.10 -14.98 3.89
C TRP C 59 26.65 -13.89 2.94
N TYR C 60 27.49 -13.54 1.96
CA TYR C 60 27.23 -12.43 1.02
C TYR C 60 27.31 -12.88 -0.42
N ALA C 61 26.56 -12.20 -1.30
CA ALA C 61 26.64 -12.36 -2.74
C ALA C 61 28.02 -11.82 -3.17
N SER C 62 28.62 -12.38 -4.23
CA SER C 62 29.93 -11.99 -4.76
C SER C 62 30.08 -10.46 -4.92
N TRP C 63 29.02 -9.80 -5.40
CA TRP C 63 29.00 -8.36 -5.63
C TRP C 63 28.79 -7.58 -4.32
N ALA C 64 28.15 -8.19 -3.32
CA ALA C 64 27.80 -7.54 -2.05
C ALA C 64 28.95 -7.38 -1.05
N LYS C 65 29.92 -8.33 -1.06
CA LYS C 65 31.05 -8.32 -0.14
C LYS C 65 31.92 -7.06 -0.18
N GLY C 66 32.11 -6.48 1.00
CA GLY C 66 32.84 -5.23 1.20
C GLY C 66 31.95 -4.01 1.18
N ARG C 67 30.82 -4.07 0.49
CA ARG C 67 29.85 -2.97 0.34
C ARG C 67 28.67 -3.06 1.33
N PHE C 68 28.43 -4.28 1.88
CA PHE C 68 27.33 -4.53 2.79
C PHE C 68 27.81 -5.37 3.97
N THR C 69 27.30 -5.06 5.17
CA THR C 69 27.62 -5.74 6.41
C THR C 69 26.30 -6.06 7.11
N ILE C 70 26.07 -7.36 7.35
CA ILE C 70 24.87 -7.82 8.03
C ILE C 70 25.28 -8.07 9.47
N SER C 71 24.50 -7.53 10.39
CA SER C 71 24.81 -7.65 11.81
C SER C 71 23.59 -8.14 12.58
N ASP C 72 23.81 -9.04 13.52
CA ASP C 72 22.76 -9.58 14.33
C ASP C 72 22.69 -8.89 15.70
N THR C 73 21.47 -8.58 16.13
CA THR C 73 21.13 -7.98 17.41
C THR C 73 20.14 -8.96 18.09
N SER C 74 19.80 -8.67 19.35
CA SER C 74 18.87 -9.41 20.21
C SER C 74 17.46 -9.57 19.57
N THR C 75 16.92 -8.49 19.00
CA THR C 75 15.58 -8.38 18.44
C THR C 75 15.59 -7.83 17.01
N THR C 76 16.78 -7.72 16.41
CA THR C 76 16.99 -7.09 15.12
C THR C 76 18.15 -7.72 14.32
N VAL C 77 18.13 -7.50 13.00
CA VAL C 77 19.21 -7.80 12.07
C VAL C 77 19.37 -6.52 11.21
N THR C 78 20.59 -5.98 11.17
CA THR C 78 20.85 -4.78 10.40
C THR C 78 21.61 -5.05 9.08
N LEU C 79 21.46 -4.16 8.11
CA LEU C 79 22.21 -4.19 6.86
C LEU C 79 22.81 -2.80 6.68
N LYS C 80 24.14 -2.70 6.81
CA LYS C 80 24.85 -1.45 6.60
C LYS C 80 25.42 -1.40 5.17
N LEU C 81 25.14 -0.29 4.46
CA LEU C 81 25.63 0.05 3.11
C LEU C 81 26.81 0.95 3.39
N THR C 82 28.01 0.37 3.31
CA THR C 82 29.30 0.99 3.68
C THR C 82 29.62 2.24 2.91
N SER C 83 29.39 2.20 1.59
CA SER C 83 29.66 3.31 0.69
C SER C 83 28.74 3.16 -0.54
N PRO C 84 27.45 3.57 -0.41
CA PRO C 84 26.51 3.41 -1.53
C PRO C 84 26.78 4.26 -2.77
N THR C 85 26.32 3.74 -3.91
CA THR C 85 26.44 4.33 -5.25
C THR C 85 25.02 4.45 -5.81
N THR C 86 24.84 5.07 -6.98
CA THR C 86 23.53 5.24 -7.62
C THR C 86 22.95 3.86 -7.96
N GLU C 87 23.83 2.88 -8.25
CA GLU C 87 23.48 1.50 -8.58
C GLU C 87 22.85 0.69 -7.42
N ASP C 88 22.90 1.25 -6.19
CA ASP C 88 22.33 0.67 -4.98
C ASP C 88 20.92 1.17 -4.68
N THR C 89 20.35 2.00 -5.56
CA THR C 89 18.96 2.48 -5.41
C THR C 89 18.00 1.28 -5.53
N ALA C 90 17.32 0.97 -4.44
CA ALA C 90 16.43 -0.19 -4.41
C ALA C 90 15.54 -0.14 -3.22
N THR C 91 14.51 -1.01 -3.23
CA THR C 91 13.71 -1.34 -2.05
C THR C 91 14.48 -2.53 -1.44
N TYR C 92 14.79 -2.49 -0.14
CA TYR C 92 15.47 -3.60 0.54
C TYR C 92 14.48 -4.32 1.45
N PHE C 93 14.34 -5.64 1.24
CA PHE C 93 13.47 -6.52 2.01
C PHE C 93 14.32 -7.45 2.87
N CYS C 94 13.81 -7.81 4.06
CA CYS C 94 14.40 -8.88 4.87
C CYS C 94 13.40 -10.08 4.75
N ALA C 95 13.94 -11.29 4.63
CA ALA C 95 13.15 -12.50 4.43
C ALA C 95 13.71 -13.59 5.32
N ALA C 96 12.86 -14.25 6.08
CA ALA C 96 13.28 -15.28 6.98
C ALA C 96 13.03 -16.67 6.43
N ASP C 97 13.98 -17.59 6.65
CA ASP C 97 13.88 -19.01 6.32
C ASP C 97 13.53 -19.72 7.67
N THR C 98 12.27 -20.22 7.80
CA THR C 98 11.80 -20.82 9.04
C THR C 98 12.09 -22.31 9.25
N THR C 99 12.67 -22.97 8.23
CA THR C 99 12.93 -24.42 8.32
C THR C 99 14.38 -24.82 8.33
N ASP C 100 15.25 -23.96 7.75
CA ASP C 100 16.70 -24.15 7.51
C ASP C 100 16.91 -24.82 6.15
N ASN C 101 15.84 -24.98 5.40
CA ASN C 101 15.83 -25.62 4.09
C ASN C 101 16.11 -24.73 2.88
N GLY C 102 16.33 -23.43 3.10
CA GLY C 102 16.76 -22.55 2.02
C GLY C 102 15.76 -21.56 1.44
N TYR C 103 14.47 -21.87 1.56
CA TYR C 103 13.39 -21.06 1.02
C TYR C 103 12.86 -20.04 2.04
N PHE C 104 12.30 -18.94 1.53
CA PHE C 104 11.83 -17.79 2.32
C PHE C 104 10.33 -17.84 2.49
N THR C 105 9.88 -18.00 3.74
CA THR C 105 8.48 -18.09 4.07
C THR C 105 7.89 -16.77 4.57
N ILE C 106 8.70 -15.92 5.24
CA ILE C 106 8.20 -14.64 5.76
C ILE C 106 9.04 -13.49 5.19
N TRP C 107 8.39 -12.40 4.76
CA TRP C 107 9.00 -11.20 4.17
C TRP C 107 8.50 -9.96 4.89
N GLY C 108 9.33 -8.94 4.88
CA GLY C 108 8.96 -7.64 5.40
C GLY C 108 8.36 -6.83 4.25
N PRO C 109 7.65 -5.70 4.51
CA PRO C 109 7.09 -4.92 3.37
C PRO C 109 8.12 -4.16 2.52
N GLY C 110 9.34 -4.06 3.00
CA GLY C 110 10.42 -3.35 2.31
C GLY C 110 10.66 -1.95 2.81
N THR C 111 11.86 -1.43 2.54
CA THR C 111 12.30 -0.08 2.87
C THR C 111 13.02 0.47 1.64
N LEU C 112 12.67 1.68 1.20
CA LEU C 112 13.26 2.23 -0.01
C LEU C 112 14.47 3.07 0.25
N VAL C 113 15.56 2.78 -0.48
CA VAL C 113 16.79 3.53 -0.43
C VAL C 113 16.98 4.19 -1.81
N THR C 114 17.22 5.52 -1.81
CA THR C 114 17.49 6.28 -3.03
C THR C 114 18.89 6.84 -2.90
N VAL C 115 19.71 6.61 -3.92
CA VAL C 115 21.07 7.12 -3.92
C VAL C 115 21.30 8.06 -5.11
N SER C 116 21.37 9.38 -4.85
CA SER C 116 21.62 10.38 -5.88
C SER C 116 22.37 11.60 -5.34
N SER C 117 23.24 12.19 -6.18
CA SER C 117 24.02 13.39 -5.87
C SER C 117 23.31 14.63 -6.40
N GLU D 1 28.36 -17.05 -7.61
CA GLU D 1 28.75 -18.13 -8.52
C GLU D 1 27.51 -18.78 -9.17
N LEU D 2 26.48 -19.15 -8.36
CA LEU D 2 25.27 -19.79 -8.87
C LEU D 2 24.45 -18.79 -9.71
N VAL D 3 24.10 -19.21 -10.92
CA VAL D 3 23.28 -18.42 -11.82
C VAL D 3 22.01 -19.22 -12.13
N MET D 4 20.83 -18.59 -11.91
CA MET D 4 19.54 -19.21 -12.24
C MET D 4 19.02 -18.52 -13.50
N THR D 5 19.02 -19.22 -14.65
CA THR D 5 18.55 -18.66 -15.91
C THR D 5 17.05 -18.94 -16.03
N GLN D 6 16.23 -17.88 -15.93
CA GLN D 6 14.77 -17.99 -15.99
C GLN D 6 14.22 -17.58 -17.35
N THR D 7 13.39 -18.48 -17.94
CA THR D 7 12.74 -18.27 -19.24
C THR D 7 11.25 -18.66 -19.20
N PRO D 8 10.35 -17.95 -19.94
CA PRO D 8 10.61 -16.73 -20.73
C PRO D 8 10.60 -15.49 -19.84
N SER D 9 10.91 -14.31 -20.42
CA SER D 9 10.90 -13.01 -19.74
C SER D 9 9.45 -12.52 -19.54
N SER D 10 8.59 -12.87 -20.49
CA SER D 10 7.18 -12.48 -20.48
C SER D 10 6.29 -13.51 -21.15
N VAL D 11 5.09 -13.68 -20.62
CA VAL D 11 4.08 -14.62 -21.13
C VAL D 11 2.71 -13.98 -21.05
N SER D 12 1.92 -14.15 -22.12
CA SER D 12 0.54 -13.69 -22.25
C SER D 12 -0.28 -14.94 -22.46
N GLU D 13 -1.26 -15.17 -21.59
CA GLU D 13 -2.12 -16.35 -21.65
C GLU D 13 -3.60 -16.00 -21.37
N PRO D 14 -4.58 -16.58 -22.11
CA PRO D 14 -5.98 -16.30 -21.76
C PRO D 14 -6.39 -17.10 -20.53
N VAL D 15 -7.47 -16.68 -19.85
CA VAL D 15 -8.02 -17.36 -18.67
C VAL D 15 -8.27 -18.86 -19.04
N GLY D 16 -7.86 -19.77 -18.15
CA GLY D 16 -8.03 -21.21 -18.34
C GLY D 16 -6.92 -21.92 -19.07
N GLY D 17 -5.92 -21.17 -19.53
CA GLY D 17 -4.76 -21.72 -20.23
C GLY D 17 -3.69 -22.21 -19.28
N THR D 18 -2.71 -22.94 -19.82
CA THR D 18 -1.60 -23.46 -19.01
C THR D 18 -0.32 -22.64 -19.26
N VAL D 19 0.31 -22.20 -18.17
CA VAL D 19 1.56 -21.41 -18.22
C VAL D 19 2.76 -22.28 -17.77
N THR D 20 3.84 -22.31 -18.57
CA THR D 20 5.06 -23.03 -18.23
C THR D 20 6.24 -22.04 -18.08
N ILE D 21 6.86 -22.01 -16.89
CA ILE D 21 7.99 -21.14 -16.56
C ILE D 21 9.19 -22.02 -16.17
N LYS D 22 10.36 -21.79 -16.79
CA LYS D 22 11.54 -22.60 -16.57
C LYS D 22 12.71 -21.85 -15.94
N CYS D 23 13.43 -22.56 -15.07
CA CYS D 23 14.66 -22.11 -14.41
C CYS D 23 15.71 -23.18 -14.55
N GLN D 24 16.88 -22.79 -15.09
CA GLN D 24 18.03 -23.65 -15.28
C GLN D 24 19.13 -23.21 -14.31
N ALA D 25 19.61 -24.15 -13.48
CA ALA D 25 20.66 -23.90 -12.49
C ALA D 25 22.03 -24.13 -13.10
N SER D 26 22.97 -23.17 -12.87
CA SER D 26 24.35 -23.25 -13.38
C SER D 26 25.19 -24.29 -12.62
N GLN D 27 24.65 -24.78 -11.47
CA GLN D 27 25.27 -25.79 -10.61
C GLN D 27 24.20 -26.73 -10.06
N SER D 28 24.61 -27.92 -9.58
CA SER D 28 23.67 -28.88 -9.01
C SER D 28 23.15 -28.38 -7.66
N ILE D 29 21.83 -28.09 -7.64
CA ILE D 29 21.14 -27.55 -6.45
C ILE D 29 20.17 -28.54 -5.80
N SER D 30 19.90 -29.67 -6.48
CA SER D 30 18.95 -30.68 -6.02
C SER D 30 17.58 -30.04 -5.72
N SER D 31 17.00 -30.23 -4.52
CA SER D 31 15.69 -29.67 -4.15
C SER D 31 15.77 -28.26 -3.55
N TRP D 32 16.96 -27.62 -3.64
CA TRP D 32 17.15 -26.26 -3.14
C TRP D 32 16.62 -25.28 -4.18
N LEU D 33 15.31 -25.39 -4.48
CA LEU D 33 14.63 -24.52 -5.42
C LEU D 33 13.20 -24.15 -4.98
N SER D 34 12.90 -22.84 -4.94
CA SER D 34 11.58 -22.34 -4.60
C SER D 34 11.08 -21.31 -5.61
N TRP D 35 9.75 -21.20 -5.76
CA TRP D 35 9.04 -20.28 -6.66
C TRP D 35 8.25 -19.27 -5.88
N TYR D 36 8.32 -18.00 -6.33
CA TYR D 36 7.68 -16.84 -5.72
C TYR D 36 6.84 -16.09 -6.73
N GLN D 37 5.78 -15.45 -6.24
CA GLN D 37 4.87 -14.60 -6.98
C GLN D 37 4.96 -13.21 -6.39
N GLN D 38 5.15 -12.18 -7.27
CA GLN D 38 5.18 -10.80 -6.84
C GLN D 38 4.25 -9.92 -7.70
N LYS D 39 3.41 -9.15 -7.01
CA LYS D 39 2.50 -8.21 -7.62
C LYS D 39 3.01 -6.80 -7.25
N PRO D 40 2.71 -5.76 -8.07
CA PRO D 40 3.22 -4.40 -7.76
C PRO D 40 2.85 -3.83 -6.39
N GLY D 41 3.84 -3.22 -5.74
CA GLY D 41 3.72 -2.63 -4.41
C GLY D 41 3.73 -3.61 -3.25
N GLN D 42 3.88 -4.93 -3.54
CA GLN D 42 3.84 -5.98 -2.51
C GLN D 42 5.15 -6.77 -2.42
N PRO D 43 5.51 -7.37 -1.24
CA PRO D 43 6.68 -8.23 -1.22
C PRO D 43 6.34 -9.58 -1.89
N PRO D 44 7.33 -10.38 -2.32
CA PRO D 44 6.99 -11.66 -2.96
C PRO D 44 6.31 -12.66 -2.02
N LYS D 45 5.57 -13.61 -2.62
CA LYS D 45 4.88 -14.65 -1.86
C LYS D 45 5.35 -16.05 -2.30
N LEU D 46 5.68 -16.92 -1.34
CA LEU D 46 6.09 -18.31 -1.59
C LEU D 46 4.94 -19.14 -2.21
N LEU D 47 5.27 -19.85 -3.31
CA LEU D 47 4.35 -20.71 -4.04
C LEU D 47 4.76 -22.18 -3.89
N ILE D 48 6.02 -22.50 -4.25
CA ILE D 48 6.58 -23.85 -4.27
C ILE D 48 7.87 -23.89 -3.44
N TYR D 49 8.07 -24.95 -2.65
CA TYR D 49 9.31 -25.12 -1.88
C TYR D 49 9.85 -26.52 -2.09
N ASP D 50 11.15 -26.72 -1.86
CA ASP D 50 11.81 -28.01 -2.08
C ASP D 50 11.52 -28.56 -3.51
N ALA D 51 11.52 -27.65 -4.53
CA ALA D 51 11.27 -27.89 -5.96
C ALA D 51 9.84 -28.28 -6.39
N SER D 52 9.14 -29.09 -5.59
CA SER D 52 7.83 -29.62 -5.97
C SER D 52 6.71 -29.63 -4.91
N ASN D 53 6.89 -28.96 -3.78
CA ASN D 53 5.88 -29.00 -2.73
C ASN D 53 5.08 -27.74 -2.76
N LEU D 54 3.77 -27.89 -2.62
CA LEU D 54 2.86 -26.75 -2.67
C LEU D 54 2.85 -26.07 -1.29
N ALA D 55 3.10 -24.76 -1.26
CA ALA D 55 3.12 -24.00 0.00
C ALA D 55 1.72 -23.78 0.53
N SER D 56 1.63 -23.61 1.85
CA SER D 56 0.39 -23.37 2.60
C SER D 56 -0.39 -22.19 2.01
N GLY D 57 -1.66 -22.42 1.70
CA GLY D 57 -2.55 -21.41 1.14
C GLY D 57 -2.39 -21.05 -0.32
N VAL D 58 -1.74 -21.91 -1.12
CA VAL D 58 -1.53 -21.65 -2.54
C VAL D 58 -2.49 -22.51 -3.39
N PRO D 59 -3.19 -21.91 -4.38
CA PRO D 59 -4.11 -22.71 -5.21
C PRO D 59 -3.40 -23.90 -5.85
N SER D 60 -4.12 -25.03 -5.96
CA SER D 60 -3.64 -26.30 -6.48
C SER D 60 -3.22 -26.24 -7.95
N ARG D 61 -3.62 -25.16 -8.66
CA ARG D 61 -3.26 -24.93 -10.06
C ARG D 61 -1.74 -24.65 -10.23
N PHE D 62 -1.04 -24.29 -9.14
CA PHE D 62 0.42 -24.03 -9.14
C PHE D 62 1.15 -25.35 -8.87
N MET D 63 2.01 -25.77 -9.80
CA MET D 63 2.76 -27.02 -9.73
C MET D 63 4.26 -26.76 -9.97
N GLY D 64 5.09 -27.39 -9.16
CA GLY D 64 6.53 -27.34 -9.30
C GLY D 64 7.11 -28.71 -9.59
N SER D 65 8.09 -28.79 -10.47
CA SER D 65 8.79 -30.03 -10.80
C SER D 65 10.25 -29.73 -11.15
N GLY D 66 11.11 -30.74 -10.97
CA GLY D 66 12.53 -30.62 -11.23
C GLY D 66 13.14 -31.91 -11.73
N SER D 67 14.00 -31.81 -12.74
CA SER D 67 14.72 -32.94 -13.32
C SER D 67 16.15 -32.44 -13.52
N GLY D 68 17.06 -32.94 -12.69
CA GLY D 68 18.46 -32.54 -12.69
C GLY D 68 18.66 -31.07 -12.45
N THR D 69 19.03 -30.35 -13.51
CA THR D 69 19.32 -28.91 -13.53
C THR D 69 18.13 -28.01 -13.99
N GLU D 70 17.09 -28.64 -14.58
CA GLU D 70 15.89 -27.98 -15.11
C GLU D 70 14.74 -28.05 -14.12
N TYR D 71 14.15 -26.87 -13.83
CA TYR D 71 13.02 -26.69 -12.92
C TYR D 71 11.87 -26.02 -13.62
N THR D 72 10.65 -26.49 -13.37
CA THR D 72 9.45 -25.97 -14.03
C THR D 72 8.37 -25.55 -13.06
N LEU D 73 7.78 -24.37 -13.32
CA LEU D 73 6.62 -23.84 -12.62
C LEU D 73 5.50 -23.86 -13.64
N THR D 74 4.48 -24.72 -13.40
CA THR D 74 3.29 -24.84 -14.22
C THR D 74 2.09 -24.25 -13.48
N ILE D 75 1.29 -23.43 -14.15
CA ILE D 75 0.03 -22.86 -13.64
C ILE D 75 -1.00 -23.40 -14.65
N SER D 76 -1.73 -24.46 -14.24
CA SER D 76 -2.67 -25.17 -15.09
C SER D 76 -3.89 -24.38 -15.56
N GLY D 77 -4.67 -23.85 -14.64
CA GLY D 77 -5.86 -23.08 -15.04
C GLY D 77 -5.71 -21.63 -14.68
N VAL D 78 -4.94 -20.88 -15.46
CA VAL D 78 -4.68 -19.46 -15.20
C VAL D 78 -5.93 -18.60 -14.98
N GLN D 79 -5.91 -17.87 -13.85
CA GLN D 79 -6.98 -16.94 -13.48
C GLN D 79 -6.47 -15.53 -13.60
N ARG D 80 -7.35 -14.54 -13.63
CA ARG D 80 -7.01 -13.10 -13.78
C ARG D 80 -6.10 -12.63 -12.65
N GLU D 81 -6.31 -13.15 -11.43
CA GLU D 81 -5.48 -12.85 -10.25
C GLU D 81 -4.05 -13.38 -10.34
N ASP D 82 -3.75 -14.24 -11.34
CA ASP D 82 -2.41 -14.81 -11.52
C ASP D 82 -1.47 -13.86 -12.33
N ALA D 83 -2.01 -12.69 -12.79
CA ALA D 83 -1.19 -11.66 -13.48
C ALA D 83 -0.23 -11.11 -12.43
N ALA D 84 1.07 -11.30 -12.66
CA ALA D 84 2.13 -10.98 -11.69
C ALA D 84 3.46 -11.22 -12.33
N THR D 85 4.51 -11.09 -11.56
CA THR D 85 5.87 -11.43 -11.95
C THR D 85 6.37 -12.59 -11.06
N TYR D 86 6.97 -13.61 -11.70
CA TYR D 86 7.40 -14.85 -11.04
C TYR D 86 8.89 -15.00 -11.01
N TYR D 87 9.39 -15.55 -9.88
CA TYR D 87 10.83 -15.75 -9.63
C TYR D 87 11.14 -17.09 -9.01
N CYS D 88 12.22 -17.72 -9.44
CA CYS D 88 12.74 -18.92 -8.79
C CYS D 88 13.92 -18.45 -7.90
N LEU D 89 14.22 -19.22 -6.86
CA LEU D 89 15.33 -19.00 -5.93
C LEU D 89 16.05 -20.33 -5.77
N GLY D 90 17.30 -20.38 -6.21
CA GLY D 90 18.11 -21.59 -6.14
C GLY D 90 19.27 -21.48 -5.18
N GLY D 91 19.74 -22.65 -4.70
CA GLY D 91 20.92 -22.76 -3.85
C GLY D 91 20.68 -22.57 -2.38
N TYR D 92 21.76 -22.27 -1.65
CA TYR D 92 21.75 -22.14 -0.20
C TYR D 92 22.74 -21.08 0.25
N PRO D 93 22.46 -20.26 1.30
CA PRO D 93 23.42 -19.20 1.68
C PRO D 93 24.86 -19.65 1.97
N ALA D 94 25.03 -20.81 2.68
CA ALA D 94 26.35 -21.37 3.03
C ALA D 94 26.97 -22.30 1.95
N ALA D 95 26.27 -22.50 0.83
CA ALA D 95 26.82 -23.32 -0.26
C ALA D 95 27.98 -22.53 -0.93
N SER D 96 28.93 -23.25 -1.55
CA SER D 96 30.05 -22.61 -2.22
C SER D 96 29.61 -21.59 -3.25
N TYR D 97 28.51 -21.89 -3.93
CA TYR D 97 27.92 -21.11 -5.00
C TYR D 97 26.85 -20.10 -4.54
N ARG D 98 26.62 -20.00 -3.20
CA ARG D 98 25.62 -19.11 -2.57
C ARG D 98 24.19 -19.46 -3.03
N THR D 99 23.25 -18.47 -2.92
CA THR D 99 21.86 -18.55 -3.36
C THR D 99 21.59 -17.47 -4.38
N ALA D 100 20.67 -17.71 -5.33
CA ALA D 100 20.38 -16.73 -6.38
C ALA D 100 18.97 -16.82 -6.95
N PHE D 101 18.42 -15.66 -7.33
CA PHE D 101 17.10 -15.52 -7.98
C PHE D 101 17.27 -15.56 -9.48
N GLY D 102 16.26 -16.08 -10.16
CA GLY D 102 16.18 -15.99 -11.61
C GLY D 102 15.79 -14.55 -11.98
N GLY D 103 15.96 -14.20 -13.25
CA GLY D 103 15.64 -12.87 -13.75
C GLY D 103 14.15 -12.52 -13.77
N GLY D 104 13.26 -13.49 -13.46
CA GLY D 104 11.83 -13.25 -13.40
C GLY D 104 11.08 -13.39 -14.70
N THR D 105 9.76 -13.66 -14.58
CA THR D 105 8.83 -13.84 -15.70
C THR D 105 7.59 -13.02 -15.45
N GLU D 106 7.30 -12.09 -16.36
CA GLU D 106 6.12 -11.27 -16.24
C GLU D 106 4.94 -11.94 -16.94
N LEU D 107 3.93 -12.36 -16.17
CA LEU D 107 2.78 -13.00 -16.71
C LEU D 107 1.61 -12.02 -16.84
N GLU D 108 1.08 -11.91 -18.04
CA GLU D 108 -0.07 -11.08 -18.38
C GLU D 108 -1.22 -12.01 -18.78
N ILE D 109 -2.46 -11.67 -18.38
CA ILE D 109 -3.62 -12.51 -18.70
C ILE D 109 -4.59 -11.86 -19.64
N ILE D 110 -4.86 -12.52 -20.80
CA ILE D 110 -5.83 -12.11 -21.84
C ILE D 110 -7.20 -12.69 -21.45
N SER E 5 41.13 -19.23 -4.22
CA SER E 5 41.86 -19.96 -3.17
C SER E 5 41.47 -19.54 -1.74
N GLY E 6 41.95 -18.37 -1.29
CA GLY E 6 41.71 -17.80 0.04
C GLY E 6 40.26 -17.54 0.43
N ASP E 7 39.43 -17.07 -0.54
CA ASP E 7 37.99 -16.81 -0.33
C ASP E 7 37.23 -18.15 -0.15
N SER E 8 37.53 -19.13 -1.02
CA SER E 8 36.96 -20.48 -0.99
C SER E 8 37.41 -21.23 0.28
N ASP E 9 38.70 -21.08 0.69
CA ASP E 9 39.22 -21.70 1.89
C ASP E 9 38.46 -21.19 3.10
N GLU E 10 38.26 -19.87 3.18
CA GLU E 10 37.53 -19.21 4.26
C GLU E 10 36.06 -19.66 4.29
N ASP E 11 35.41 -19.74 3.10
CA ASP E 11 34.00 -20.17 2.95
C ASP E 11 33.81 -21.57 3.54
N LEU E 12 34.69 -22.50 3.15
CA LEU E 12 34.67 -23.88 3.62
C LEU E 12 34.82 -23.97 5.12
N LEU E 13 35.70 -23.14 5.69
CA LEU E 13 35.92 -23.12 7.14
C LEU E 13 34.66 -22.58 7.84
N LYS E 14 34.08 -21.48 7.31
CA LYS E 14 32.83 -20.84 7.78
C LYS E 14 31.69 -21.82 7.66
N ALA E 15 31.66 -22.64 6.54
CA ALA E 15 30.57 -23.62 6.32
C ALA E 15 30.61 -24.76 7.36
N VAL E 16 31.82 -25.32 7.64
CA VAL E 16 32.03 -26.38 8.64
C VAL E 16 31.70 -25.86 10.05
N ARG E 17 32.13 -24.63 10.37
CA ARG E 17 31.85 -24.00 11.66
C ARG E 17 30.35 -23.86 11.85
N LEU E 18 29.62 -23.50 10.76
CA LEU E 18 28.17 -23.39 10.78
C LEU E 18 27.52 -24.76 10.97
N ILE E 19 27.97 -25.79 10.21
CA ILE E 19 27.48 -27.17 10.36
C ILE E 19 27.61 -27.65 11.84
N LYS E 20 28.79 -27.39 12.47
CA LYS E 20 29.06 -27.77 13.87
C LYS E 20 28.10 -27.07 14.84
N PHE E 21 27.84 -25.77 14.59
CA PHE E 21 26.91 -24.97 15.38
C PHE E 21 25.48 -25.57 15.32
N LEU E 22 25.07 -26.08 14.13
CA LEU E 22 23.77 -26.71 13.93
C LEU E 22 23.61 -28.02 14.74
N TYR E 23 24.67 -28.85 14.75
CA TYR E 23 24.78 -30.09 15.54
C TYR E 23 24.78 -29.75 17.02
N GLN E 24 25.44 -28.64 17.40
CA GLN E 24 25.49 -28.18 18.80
C GLN E 24 24.16 -27.61 19.32
N SER E 25 23.26 -27.22 18.39
CA SER E 25 21.93 -26.71 18.69
C SER E 25 20.93 -27.83 18.86
N ASN E 26 21.34 -29.07 18.55
CA ASN E 26 20.50 -30.25 18.70
C ASN E 26 21.16 -31.21 19.69
N PRO E 27 21.23 -30.88 21.01
CA PRO E 27 21.87 -31.81 21.93
C PRO E 27 20.93 -32.96 22.28
N PRO E 28 21.45 -34.15 22.68
CA PRO E 28 20.55 -35.25 23.04
C PRO E 28 19.74 -34.94 24.29
N PRO E 29 18.42 -35.27 24.32
CA PRO E 29 17.64 -35.03 25.55
C PRO E 29 17.96 -36.05 26.65
N ASN E 30 17.43 -35.80 27.89
CA ASN E 30 17.60 -36.70 29.05
C ASN E 30 16.97 -38.11 28.77
N PRO E 31 17.79 -39.19 28.63
CA PRO E 31 17.23 -40.50 28.29
C PRO E 31 16.70 -41.29 29.47
N GLU E 32 15.58 -40.83 30.03
CA GLU E 32 14.95 -41.48 31.18
C GLU E 32 13.88 -42.53 30.81
N GLY E 33 13.25 -42.36 29.63
CA GLY E 33 12.20 -43.25 29.12
C GLY E 33 10.98 -43.30 30.04
N THR E 34 10.77 -42.22 30.81
CA THR E 34 9.70 -42.05 31.81
C THR E 34 8.29 -42.08 31.20
N ARG E 35 7.96 -41.08 30.36
CA ARG E 35 6.65 -40.93 29.72
C ARG E 35 6.69 -41.22 28.22
N GLN E 36 5.52 -41.09 27.57
CA GLN E 36 5.39 -41.17 26.11
C GLN E 36 6.03 -39.89 25.54
N ALA E 37 6.14 -38.85 26.41
CA ALA E 37 6.77 -37.56 26.15
C ALA E 37 8.31 -37.68 26.09
N ARG E 38 8.89 -38.69 26.81
CA ARG E 38 10.32 -38.98 26.80
C ARG E 38 10.73 -39.58 25.47
N ARG E 39 9.93 -40.52 24.94
CA ARG E 39 10.16 -41.17 23.65
C ARG E 39 9.75 -40.26 22.48
N ASN E 40 8.88 -39.25 22.76
CA ASN E 40 8.43 -38.22 21.82
C ASN E 40 9.60 -37.32 21.49
N ARG E 41 10.35 -36.91 22.55
CA ARG E 41 11.55 -36.06 22.48
C ARG E 41 12.64 -36.74 21.68
N ARG E 42 12.84 -38.06 21.87
CA ARG E 42 13.82 -38.88 21.14
C ARG E 42 13.47 -38.89 19.65
N ARG E 43 12.16 -39.13 19.31
CA ARG E 43 11.64 -39.11 17.93
C ARG E 43 11.92 -37.76 17.32
N ARG E 44 11.62 -36.68 18.08
CA ARG E 44 11.83 -35.27 17.70
C ARG E 44 13.30 -34.99 17.50
N TRP E 45 14.17 -35.49 18.39
CA TRP E 45 15.61 -35.31 18.28
C TRP E 45 16.16 -35.94 16.99
N ARG E 46 15.73 -37.18 16.69
CA ARG E 46 16.13 -38.00 15.54
C ARG E 46 15.79 -37.37 14.18
N GLU E 47 14.59 -36.77 14.05
CA GLU E 47 14.12 -36.06 12.86
C GLU E 47 15.04 -34.86 12.56
N ARG E 48 15.31 -34.07 13.60
CA ARG E 48 16.14 -32.89 13.49
C ARG E 48 17.61 -33.28 13.13
N GLN E 49 18.15 -34.43 13.66
CA GLN E 49 19.51 -34.90 13.32
C GLN E 49 19.62 -35.34 11.88
N ARG E 50 18.62 -36.11 11.40
CA ARG E 50 18.54 -36.53 9.99
C ARG E 50 18.55 -35.28 9.08
N GLN E 51 17.82 -34.21 9.46
CA GLN E 51 17.72 -32.95 8.71
C GLN E 51 19.08 -32.24 8.68
N ILE E 52 19.72 -32.02 9.85
CA ILE E 52 21.04 -31.40 9.95
C ILE E 52 22.02 -32.23 9.13
N HIS E 53 21.95 -33.57 9.24
CA HIS E 53 22.84 -34.41 8.44
C HIS E 53 22.69 -34.15 6.93
N SER E 54 21.45 -34.20 6.37
CA SER E 54 21.28 -33.96 4.93
C SER E 54 21.71 -32.54 4.48
N ILE E 55 21.44 -31.49 5.31
CA ILE E 55 21.87 -30.10 5.04
C ILE E 55 23.41 -30.06 4.94
N SER E 56 24.10 -30.64 5.95
CA SER E 56 25.55 -30.70 6.02
C SER E 56 26.11 -31.44 4.82
N GLU E 57 25.58 -32.60 4.52
CA GLU E 57 26.00 -33.44 3.38
C GLU E 57 25.89 -32.61 2.08
N ARG E 58 24.79 -31.82 1.94
CA ARG E 58 24.53 -31.02 0.74
C ARG E 58 25.43 -29.81 0.68
N ILE E 59 25.54 -29.06 1.80
CA ILE E 59 26.44 -27.92 1.88
C ILE E 59 27.87 -28.39 1.49
N LEU E 60 28.35 -29.42 2.16
CA LEU E 60 29.70 -29.96 1.94
C LEU E 60 29.94 -30.42 0.51
N SER E 61 28.95 -31.05 -0.13
CA SER E 61 29.05 -31.52 -1.52
C SER E 61 29.35 -30.36 -2.49
N THR E 62 28.91 -29.13 -2.12
CA THR E 62 29.09 -27.93 -2.95
C THR E 62 30.53 -27.54 -3.01
N TYR E 63 31.31 -27.96 -2.00
CA TYR E 63 32.73 -27.66 -1.87
C TYR E 63 33.60 -28.85 -2.35
N LEU E 64 32.97 -29.97 -2.77
CA LEU E 64 33.69 -31.16 -3.21
C LEU E 64 33.69 -31.42 -4.72
N GLY E 65 32.84 -30.70 -5.45
CA GLY E 65 32.71 -30.84 -6.89
C GLY E 65 31.64 -31.84 -7.27
N SER F 8 -5.55 -1.91 -4.50
CA SER F 8 -6.86 -2.41 -4.97
C SER F 8 -7.44 -3.53 -4.08
N ASP F 9 -6.62 -4.55 -3.73
CA ASP F 9 -6.99 -5.65 -2.83
C ASP F 9 -7.03 -5.14 -1.40
N GLU F 10 -6.11 -4.23 -1.04
CA GLU F 10 -6.10 -3.65 0.30
C GLU F 10 -7.19 -2.59 0.41
N ASP F 11 -7.49 -1.89 -0.72
CA ASP F 11 -8.58 -0.89 -0.85
C ASP F 11 -9.91 -1.59 -0.66
N LEU F 12 -10.08 -2.74 -1.34
CA LEU F 12 -11.29 -3.56 -1.25
C LEU F 12 -11.53 -4.01 0.18
N LEU F 13 -10.50 -4.57 0.85
CA LEU F 13 -10.60 -5.00 2.25
C LEU F 13 -11.02 -3.82 3.17
N LYS F 14 -10.37 -2.66 2.98
CA LYS F 14 -10.62 -1.40 3.71
C LYS F 14 -12.06 -0.88 3.46
N ALA F 15 -12.59 -1.07 2.22
CA ALA F 15 -13.94 -0.64 1.91
C ALA F 15 -14.96 -1.52 2.62
N VAL F 16 -14.70 -2.83 2.69
CA VAL F 16 -15.54 -3.84 3.36
C VAL F 16 -15.51 -3.62 4.86
N ARG F 17 -14.29 -3.39 5.45
CA ARG F 17 -14.15 -3.06 6.88
C ARG F 17 -14.92 -1.75 7.18
N LEU F 18 -14.96 -0.83 6.22
CA LEU F 18 -15.69 0.44 6.37
C LEU F 18 -17.17 0.18 6.34
N ILE F 19 -17.67 -0.49 5.29
CA ILE F 19 -19.11 -0.87 5.15
C ILE F 19 -19.59 -1.63 6.41
N LYS F 20 -18.77 -2.55 6.92
CA LYS F 20 -19.01 -3.34 8.15
C LYS F 20 -19.19 -2.38 9.35
N PHE F 21 -18.34 -1.34 9.43
CA PHE F 21 -18.36 -0.30 10.47
C PHE F 21 -19.68 0.48 10.44
N LEU F 22 -20.12 0.88 9.23
CA LEU F 22 -21.37 1.60 8.97
C LEU F 22 -22.56 0.80 9.47
N TYR F 23 -22.64 -0.50 9.11
CA TYR F 23 -23.69 -1.41 9.57
C TYR F 23 -23.60 -1.56 11.08
N GLN F 24 -22.40 -1.69 11.63
CA GLN F 24 -22.22 -1.79 13.09
C GLN F 24 -22.58 -0.51 13.85
N SER F 25 -22.63 0.63 13.16
CA SER F 25 -22.96 1.97 13.70
C SER F 25 -24.46 2.25 13.75
N ASN F 26 -25.28 1.40 13.10
CA ASN F 26 -26.74 1.49 13.11
C ASN F 26 -27.32 0.20 13.72
N PRO F 27 -27.11 -0.04 15.05
CA PRO F 27 -27.67 -1.27 15.64
C PRO F 27 -29.17 -1.14 15.82
N PRO F 28 -29.93 -2.26 15.91
CA PRO F 28 -31.39 -2.14 16.06
C PRO F 28 -31.77 -1.51 17.40
N PRO F 29 -32.77 -0.58 17.44
CA PRO F 29 -33.17 0.00 18.73
C PRO F 29 -34.01 -1.00 19.55
N ASN F 30 -34.29 -0.67 20.83
CA ASN F 30 -35.10 -1.51 21.74
C ASN F 30 -36.54 -1.71 21.18
N PRO F 31 -36.92 -2.94 20.75
CA PRO F 31 -38.26 -3.13 20.15
C PRO F 31 -39.37 -3.34 21.16
N GLU F 32 -39.73 -2.26 21.88
CA GLU F 32 -40.78 -2.32 22.89
C GLU F 32 -42.19 -1.94 22.36
N GLY F 33 -42.23 -1.14 21.29
CA GLY F 33 -43.47 -0.65 20.66
C GLY F 33 -44.35 0.15 21.61
N THR F 34 -43.72 0.76 22.64
CA THR F 34 -44.35 1.54 23.71
C THR F 34 -45.10 2.79 23.21
N ARG F 35 -44.34 3.75 22.66
CA ARG F 35 -44.86 5.02 22.17
C ARG F 35 -44.83 5.12 20.65
N GLN F 36 -45.28 6.28 20.12
CA GLN F 36 -45.20 6.62 18.70
C GLN F 36 -43.71 6.88 18.42
N ALA F 37 -42.94 7.19 19.49
CA ALA F 37 -41.50 7.43 19.50
C ALA F 37 -40.71 6.11 19.30
N ARG F 38 -41.30 4.97 19.72
CA ARG F 38 -40.72 3.63 19.56
C ARG F 38 -40.77 3.22 18.08
N ARG F 39 -41.91 3.46 17.41
CA ARG F 39 -42.11 3.17 15.99
C ARG F 39 -41.44 4.21 15.11
N ASN F 40 -41.16 5.42 15.66
CA ASN F 40 -40.44 6.53 15.02
C ASN F 40 -39.00 6.12 14.83
N ARG F 41 -38.39 5.54 15.90
CA ARG F 41 -37.01 5.03 15.95
C ARG F 41 -36.81 3.92 14.92
N ARG F 42 -37.80 3.00 14.80
CA ARG F 42 -37.79 1.89 13.84
C ARG F 42 -37.78 2.45 12.41
N ARG F 43 -38.67 3.46 12.12
CA ARG F 43 -38.77 4.14 10.82
C ARG F 43 -37.42 4.79 10.51
N ARG F 44 -36.83 5.52 11.48
CA ARG F 44 -35.53 6.19 11.36
C ARG F 44 -34.39 5.20 11.16
N TRP F 45 -34.47 4.03 11.81
CA TRP F 45 -33.48 2.94 11.68
C TRP F 45 -33.50 2.35 10.26
N ARG F 46 -34.72 2.10 9.72
CA ARG F 46 -34.98 1.52 8.40
C ARG F 46 -34.41 2.40 7.29
N GLU F 47 -34.66 3.75 7.36
CA GLU F 47 -34.19 4.75 6.39
C GLU F 47 -32.67 4.72 6.31
N ARG F 48 -32.03 4.72 7.49
CA ARG F 48 -30.60 4.68 7.62
C ARG F 48 -30.02 3.33 7.10
N GLN F 49 -30.76 2.21 7.32
CA GLN F 49 -30.34 0.88 6.84
C GLN F 49 -30.34 0.79 5.35
N ARG F 50 -31.43 1.26 4.74
CA ARG F 50 -31.62 1.32 3.29
C ARG F 50 -30.49 2.16 2.69
N GLN F 51 -30.15 3.31 3.31
CA GLN F 51 -29.05 4.21 2.85
C GLN F 51 -27.70 3.49 2.88
N ILE F 52 -27.38 2.79 4.00
CA ILE F 52 -26.15 2.01 4.13
C ILE F 52 -26.12 0.93 3.02
N HIS F 53 -27.26 0.21 2.79
CA HIS F 53 -27.41 -0.81 1.72
C HIS F 53 -27.07 -0.22 0.38
N SER F 54 -27.64 0.95 0.07
CA SER F 54 -27.36 1.66 -1.17
C SER F 54 -25.90 2.17 -1.29
N ILE F 55 -25.31 2.70 -0.20
CA ILE F 55 -23.89 3.16 -0.17
C ILE F 55 -22.95 1.94 -0.39
N SER F 56 -23.28 0.80 0.22
CA SER F 56 -22.56 -0.47 0.09
C SER F 56 -22.49 -0.95 -1.35
N GLU F 57 -23.66 -1.07 -2.01
CA GLU F 57 -23.74 -1.56 -3.38
C GLU F 57 -22.94 -0.72 -4.35
N ARG F 58 -23.06 0.59 -4.23
CA ARG F 58 -22.35 1.55 -5.08
C ARG F 58 -20.84 1.49 -4.90
N ILE F 59 -20.35 1.41 -3.64
CA ILE F 59 -18.92 1.27 -3.30
C ILE F 59 -18.39 -0.06 -3.89
N LEU F 60 -19.10 -1.15 -3.60
CA LEU F 60 -18.73 -2.47 -4.07
C LEU F 60 -18.73 -2.64 -5.59
N SER F 61 -19.69 -2.03 -6.31
CA SER F 61 -19.75 -2.08 -7.78
C SER F 61 -18.48 -1.48 -8.44
N THR F 62 -17.81 -0.51 -7.75
CA THR F 62 -16.53 0.08 -8.23
C THR F 62 -15.39 -0.96 -8.09
N TYR F 63 -15.57 -1.98 -7.24
CA TYR F 63 -14.57 -3.03 -7.05
C TYR F 63 -14.87 -4.27 -7.91
N LEU F 64 -16.15 -4.47 -8.28
CA LEU F 64 -16.60 -5.61 -9.09
C LEU F 64 -16.61 -5.32 -10.59
N GLY F 65 -16.44 -4.05 -10.98
CA GLY F 65 -16.46 -3.61 -12.37
C GLY F 65 -17.86 -3.24 -12.84
CL CL G . -7.21 9.31 -7.24
CL CL H . 26.99 -14.97 -5.82
#